data_6B71
#
_entry.id   6B71
#
_cell.length_a   99.970
_cell.length_b   99.970
_cell.length_c   99.970
_cell.angle_alpha   90.00
_cell.angle_beta   90.00
_cell.angle_gamma   90.00
#
_symmetry.space_group_name_H-M   'P 21 3'
#
loop_
_entity.id
_entity.type
_entity.pdbx_description
1 polymer 'Purine nucleoside phosphorylase'
2 non-polymer 'DIMETHYL SULFOXIDE'
3 non-polymer 3-(4-chlorophenyl)-5,6-dihydroimidazo[2,1-b][1,3]thiazole
4 water water
#
_entity_poly.entity_id   1
_entity_poly.type   'polypeptide(L)'
_entity_poly.pdbx_seq_one_letter_code
;MTTPVVANYENASMAADYIKRVSNVLPDIGII(CME)GSGLGKLIEEIEERKVIPYINIPNFPKTTVAGHVGNLVLGSVG
GRKIVAMQGRLHMYEGYSNQEIALPIRVMKLLGVRVLLITNLAGGINRKLKSGDFVLIKGHINFPGLGLNNVLVGPNQDE
FGPRFPDLSNAYDRLLQQLALKIAQENDFQDLVHEGVYAFNGGPTYESPDESNMLLKLGCDVVGMSTVPEVIIACHCGIK
VLAVSLIANNSILDAENDVSINHEKVLAVAEKRADLLQMWFKEIITRLPLD
;
_entity_poly.pdbx_strand_id   A
#
# COMPACT_ATOMS: atom_id res chain seq x y z
N VAL A 5 -21.81 -0.81 -6.04
CA VAL A 5 -21.67 -2.21 -5.62
C VAL A 5 -21.01 -2.33 -4.23
N VAL A 6 -21.65 -3.08 -3.31
CA VAL A 6 -21.14 -3.27 -1.95
C VAL A 6 -20.03 -4.32 -1.94
N ALA A 7 -18.99 -4.10 -1.12
CA ALA A 7 -17.90 -5.07 -0.94
C ALA A 7 -18.29 -6.21 0.01
N ASN A 8 -19.35 -6.94 -0.39
CA ASN A 8 -19.87 -8.05 0.40
C ASN A 8 -19.36 -9.40 -0.11
N TYR A 9 -19.76 -10.46 0.61
CA TYR A 9 -19.28 -11.82 0.36
C TYR A 9 -19.72 -12.33 -1.02
N GLU A 10 -20.98 -12.10 -1.40
CA GLU A 10 -21.48 -12.56 -2.69
C GLU A 10 -20.76 -11.84 -3.84
N ASN A 11 -20.58 -10.52 -3.74
CA ASN A 11 -19.97 -9.78 -4.85
C ASN A 11 -18.48 -10.10 -5.00
N ALA A 12 -17.76 -10.22 -3.87
CA ALA A 12 -16.37 -10.64 -3.92
C ALA A 12 -16.22 -12.07 -4.46
N SER A 13 -17.17 -12.96 -4.10
CA SER A 13 -17.11 -14.35 -4.59
C SER A 13 -17.23 -14.42 -6.12
N MET A 14 -18.11 -13.60 -6.72
CA MET A 14 -18.27 -13.62 -8.18
CA MET A 14 -18.26 -13.63 -8.17
C MET A 14 -16.98 -13.19 -8.87
N ALA A 15 -16.31 -12.17 -8.34
CA ALA A 15 -15.04 -11.72 -8.91
C ALA A 15 -13.98 -12.80 -8.77
N ALA A 16 -13.89 -13.41 -7.58
CA ALA A 16 -12.88 -14.46 -7.36
C ALA A 16 -13.09 -15.65 -8.30
N ASP A 17 -14.34 -16.03 -8.53
CA ASP A 17 -14.63 -17.16 -9.43
C ASP A 17 -14.14 -16.88 -10.85
N TYR A 18 -14.37 -15.66 -11.35
CA TYR A 18 -13.89 -15.29 -12.68
C TYR A 18 -12.37 -15.38 -12.77
N ILE A 19 -11.68 -14.84 -11.75
CA ILE A 19 -10.21 -14.81 -11.78
C ILE A 19 -9.64 -16.22 -11.77
N LYS A 20 -10.20 -17.11 -10.96
CA LYS A 20 -9.72 -18.50 -10.91
C LYS A 20 -9.94 -19.20 -12.24
N ARG A 21 -11.04 -18.88 -12.95
CA ARG A 21 -11.30 -19.52 -14.24
C ARG A 21 -10.28 -19.09 -15.30
N VAL A 22 -9.81 -17.85 -15.23
CA VAL A 22 -8.95 -17.31 -16.26
C VAL A 22 -7.47 -17.58 -15.98
N SER A 23 -7.08 -17.74 -14.71
CA SER A 23 -5.69 -17.53 -14.31
C SER A 23 -4.93 -18.79 -13.99
N ASN A 24 -5.55 -19.77 -13.33
CA ASN A 24 -4.89 -21.00 -12.94
C ASN A 24 -3.86 -20.81 -11.83
N VAL A 25 -3.81 -19.63 -11.20
CA VAL A 25 -2.87 -19.33 -10.12
C VAL A 25 -3.67 -19.15 -8.84
N LEU A 26 -3.26 -19.84 -7.78
CA LEU A 26 -3.79 -19.57 -6.44
C LEU A 26 -2.71 -18.84 -5.66
N PRO A 27 -2.80 -17.52 -5.50
CA PRO A 27 -1.72 -16.76 -4.87
C PRO A 27 -1.77 -16.78 -3.35
N ASP A 28 -0.57 -16.74 -2.76
CA ASP A 28 -0.38 -16.63 -1.31
C ASP A 28 -0.02 -15.22 -0.86
N ILE A 29 0.45 -14.39 -1.77
CA ILE A 29 1.03 -13.09 -1.47
C ILE A 29 0.42 -12.08 -2.41
N GLY A 30 0.02 -10.92 -1.87
CA GLY A 30 -0.46 -9.80 -2.68
C GLY A 30 0.49 -8.62 -2.57
N ILE A 31 0.57 -7.82 -3.65
CA ILE A 31 1.39 -6.62 -3.66
C ILE A 31 0.63 -5.44 -4.27
N ILE A 32 0.85 -4.27 -3.68
CA ILE A 32 0.35 -2.97 -4.14
C ILE A 32 1.53 -2.01 -4.14
N GLY A 34 3.64 1.71 -5.15
CA GLY A 34 3.51 3.15 -5.25
C GLY A 34 3.84 3.69 -6.63
N SER A 35 3.56 4.97 -6.90
CA SER A 35 3.67 5.43 -8.27
C SER A 35 5.14 5.55 -8.63
N GLY A 36 5.49 5.07 -9.83
CA GLY A 36 6.86 4.97 -10.24
C GLY A 36 7.61 3.80 -9.62
N LEU A 37 6.94 2.97 -8.83
CA LEU A 37 7.58 1.86 -8.09
C LEU A 37 7.06 0.49 -8.53
N GLY A 38 6.60 0.36 -9.77
CA GLY A 38 5.94 -0.85 -10.20
C GLY A 38 6.74 -1.78 -11.10
N LYS A 39 8.06 -1.56 -11.23
CA LYS A 39 8.89 -2.38 -12.12
C LYS A 39 8.75 -3.88 -11.83
N LEU A 40 8.66 -4.25 -10.56
CA LEU A 40 8.58 -5.67 -10.19
C LEU A 40 7.41 -6.36 -10.89
N ILE A 41 6.28 -5.67 -11.05
CA ILE A 41 5.11 -6.27 -11.68
C ILE A 41 5.43 -6.71 -13.10
N GLU A 42 6.29 -5.95 -13.79
CA GLU A 42 6.70 -6.28 -15.16
C GLU A 42 7.63 -7.48 -15.23
N GLU A 43 8.17 -7.95 -14.11
CA GLU A 43 9.08 -9.09 -14.09
C GLU A 43 8.42 -10.35 -13.55
N ILE A 44 7.10 -10.33 -13.32
CA ILE A 44 6.41 -11.51 -12.82
C ILE A 44 6.49 -12.61 -13.89
N GLU A 45 6.87 -13.82 -13.46
CA GLU A 45 7.05 -14.94 -14.36
C GLU A 45 5.73 -15.67 -14.63
N GLU A 46 5.63 -16.25 -15.82
CA GLU A 46 4.44 -16.99 -16.24
C GLU A 46 3.17 -16.19 -15.96
N ARG A 47 3.17 -14.93 -16.38
CA ARG A 47 2.19 -14.00 -15.85
C ARG A 47 0.89 -14.05 -16.65
N LYS A 48 -0.18 -13.62 -15.99
CA LYS A 48 -1.49 -13.47 -16.58
C LYS A 48 -2.01 -12.10 -16.21
N VAL A 49 -2.38 -11.30 -17.21
CA VAL A 49 -2.85 -9.93 -17.03
C VAL A 49 -4.37 -9.92 -17.21
N ILE A 50 -5.08 -9.44 -16.19
CA ILE A 50 -6.54 -9.38 -16.17
C ILE A 50 -6.94 -7.93 -15.95
N PRO A 51 -7.36 -7.21 -17.00
CA PRO A 51 -7.87 -5.83 -16.80
C PRO A 51 -9.03 -5.78 -15.79
N TYR A 52 -9.04 -4.73 -14.95
CA TYR A 52 -10.13 -4.58 -13.97
C TYR A 52 -11.49 -4.58 -14.66
N ILE A 53 -11.58 -3.96 -15.84
CA ILE A 53 -12.84 -3.84 -16.57
C ILE A 53 -13.42 -5.18 -16.98
N ASN A 54 -12.58 -6.24 -17.03
CA ASN A 54 -13.05 -7.59 -17.35
C ASN A 54 -13.65 -8.34 -16.15
N ILE A 55 -13.43 -7.88 -14.92
CA ILE A 55 -13.70 -8.66 -13.71
C ILE A 55 -15.07 -8.26 -13.16
N PRO A 56 -16.01 -9.19 -12.98
CA PRO A 56 -17.29 -8.84 -12.35
C PRO A 56 -17.12 -8.07 -11.04
N ASN A 57 -17.87 -6.98 -10.88
CA ASN A 57 -17.95 -6.18 -9.66
C ASN A 57 -16.70 -5.38 -9.31
N PHE A 58 -15.67 -5.36 -10.14
CA PHE A 58 -14.53 -4.49 -9.84
C PHE A 58 -14.92 -3.02 -10.09
N PRO A 59 -14.33 -2.09 -9.35
CA PRO A 59 -14.72 -0.67 -9.48
C PRO A 59 -14.39 -0.13 -10.87
N LYS A 60 -15.21 0.82 -11.31
CA LYS A 60 -15.02 1.52 -12.58
C LYS A 60 -13.95 2.61 -12.41
N THR A 61 -12.90 2.54 -13.25
CA THR A 61 -11.76 3.44 -13.14
C THR A 61 -11.55 4.27 -14.41
N THR A 62 -12.56 4.46 -15.25
CA THR A 62 -12.33 5.13 -16.52
C THR A 62 -12.34 6.65 -16.40
N VAL A 63 -12.94 7.22 -15.36
CA VAL A 63 -12.90 8.69 -15.20
C VAL A 63 -11.46 9.14 -14.97
N ALA A 64 -10.74 8.43 -14.10
CA ALA A 64 -9.33 8.73 -13.86
C ALA A 64 -8.44 8.21 -14.99
N GLY A 65 -8.81 7.09 -15.60
CA GLY A 65 -8.05 6.56 -16.71
C GLY A 65 -6.77 5.88 -16.25
N HIS A 66 -5.79 5.86 -17.17
CA HIS A 66 -4.51 5.20 -16.93
C HIS A 66 -4.70 3.71 -16.65
N VAL A 67 -3.62 3.02 -16.30
CA VAL A 67 -3.64 1.56 -16.26
C VAL A 67 -4.51 1.05 -15.11
N GLY A 68 -5.13 -0.11 -15.32
CA GLY A 68 -5.84 -0.81 -14.24
C GLY A 68 -5.95 -2.33 -14.47
N ASN A 69 -4.98 -3.10 -13.96
CA ASN A 69 -4.89 -4.54 -14.21
C ASN A 69 -4.56 -5.29 -12.92
N LEU A 70 -5.11 -6.51 -12.78
CA LEU A 70 -4.59 -7.52 -11.88
C LEU A 70 -3.57 -8.37 -12.62
N VAL A 71 -2.43 -8.65 -11.99
CA VAL A 71 -1.40 -9.48 -12.60
C VAL A 71 -1.08 -10.64 -11.67
N LEU A 72 -1.25 -11.87 -12.17
CA LEU A 72 -0.94 -13.06 -11.39
C LEU A 72 0.22 -13.82 -12.01
N GLY A 73 1.04 -14.43 -11.15
CA GLY A 73 2.19 -15.19 -11.64
C GLY A 73 3.14 -15.54 -10.51
N SER A 74 4.40 -15.81 -10.85
CA SER A 74 5.39 -16.26 -9.88
C SER A 74 6.56 -15.29 -9.74
N VAL A 75 7.01 -15.11 -8.50
CA VAL A 75 8.21 -14.33 -8.19
C VAL A 75 9.00 -15.10 -7.15
N GLY A 76 10.28 -15.37 -7.43
CA GLY A 76 11.10 -16.10 -6.49
C GLY A 76 10.53 -17.44 -6.07
N GLY A 77 9.78 -18.09 -6.96
CA GLY A 77 9.18 -19.37 -6.63
C GLY A 77 7.91 -19.31 -5.80
N ARG A 78 7.40 -18.12 -5.51
CA ARG A 78 6.15 -17.94 -4.77
C ARG A 78 5.05 -17.46 -5.71
N LYS A 79 3.80 -17.80 -5.39
CA LYS A 79 2.66 -17.39 -6.23
C LYS A 79 2.07 -16.07 -5.72
N ILE A 80 1.95 -15.06 -6.61
CA ILE A 80 1.55 -13.73 -6.19
C ILE A 80 0.43 -13.15 -7.07
N VAL A 81 -0.25 -12.14 -6.51
CA VAL A 81 -1.21 -11.31 -7.24
C VAL A 81 -0.90 -9.83 -6.94
N ALA A 82 -0.81 -9.03 -8.00
CA ALA A 82 -0.49 -7.60 -7.91
C ALA A 82 -1.62 -6.74 -8.44
N MET A 83 -1.87 -5.62 -7.78
CA MET A 83 -2.67 -4.54 -8.34
C MET A 83 -1.75 -3.59 -9.09
N GLN A 84 -2.00 -3.41 -10.39
CA GLN A 84 -1.25 -2.51 -11.27
C GLN A 84 -2.20 -1.37 -11.62
N GLY A 85 -1.99 -0.23 -10.97
CA GLY A 85 -3.00 0.82 -10.96
C GLY A 85 -3.76 0.82 -9.65
N ARG A 86 -3.37 1.73 -8.78
CA ARG A 86 -3.88 1.77 -7.41
C ARG A 86 -5.08 2.71 -7.30
N LEU A 87 -6.02 2.34 -6.44
CA LEU A 87 -7.19 3.18 -6.17
C LEU A 87 -6.94 4.02 -4.93
N HIS A 88 -7.04 5.35 -5.05
CA HIS A 88 -6.84 6.29 -3.94
C HIS A 88 -8.12 7.04 -3.58
N MET A 89 -8.31 7.27 -2.27
CA MET A 89 -9.57 7.89 -1.83
C MET A 89 -9.69 9.36 -2.24
N TYR A 90 -8.57 10.09 -2.42
CA TYR A 90 -8.67 11.48 -2.90
C TYR A 90 -9.26 11.58 -4.31
N GLU A 91 -9.35 10.46 -5.07
CA GLU A 91 -9.95 10.49 -6.39
C GLU A 91 -11.46 10.46 -6.35
N GLY A 92 -12.06 10.20 -5.20
CA GLY A 92 -13.49 10.10 -5.04
C GLY A 92 -14.04 8.69 -4.94
N TYR A 93 -13.20 7.65 -4.96
CA TYR A 93 -13.68 6.28 -4.78
C TYR A 93 -14.28 6.10 -3.40
N SER A 94 -15.33 5.28 -3.32
CA SER A 94 -15.97 5.05 -2.03
C SER A 94 -15.25 3.97 -1.24
N ASN A 95 -15.63 3.88 0.04
CA ASN A 95 -15.19 2.79 0.93
C ASN A 95 -15.34 1.42 0.27
N GLN A 96 -16.50 1.17 -0.33
CA GLN A 96 -16.78 -0.13 -0.92
C GLN A 96 -15.87 -0.43 -2.11
N GLU A 97 -15.53 0.60 -2.88
CA GLU A 97 -14.67 0.39 -4.05
C GLU A 97 -13.23 0.07 -3.65
N ILE A 98 -12.68 0.76 -2.64
CA ILE A 98 -11.35 0.46 -2.12
C ILE A 98 -11.30 -0.96 -1.59
N ALA A 99 -12.34 -1.37 -0.86
CA ALA A 99 -12.27 -2.62 -0.11
C ALA A 99 -12.41 -3.85 -0.97
N LEU A 100 -13.17 -3.78 -2.07
CA LEU A 100 -13.52 -5.02 -2.78
C LEU A 100 -12.28 -5.75 -3.33
N PRO A 101 -11.29 -5.09 -3.95
CA PRO A 101 -10.14 -5.86 -4.44
C PRO A 101 -9.35 -6.58 -3.33
N ILE A 102 -9.23 -6.00 -2.13
CA ILE A 102 -8.50 -6.64 -1.03
C ILE A 102 -9.28 -7.87 -0.54
N ARG A 103 -10.61 -7.75 -0.45
CA ARG A 103 -11.43 -8.89 -0.04
C ARG A 103 -11.40 -10.01 -1.10
N VAL A 104 -11.29 -9.66 -2.39
CA VAL A 104 -11.09 -10.69 -3.42
C VAL A 104 -9.75 -11.38 -3.22
N MET A 105 -8.68 -10.63 -2.91
CA MET A 105 -7.40 -11.26 -2.58
C MET A 105 -7.57 -12.30 -1.46
N LYS A 106 -8.29 -11.92 -0.40
CA LYS A 106 -8.56 -12.85 0.69
C LYS A 106 -9.20 -14.14 0.18
N LEU A 107 -10.25 -14.02 -0.63
CA LEU A 107 -10.94 -15.21 -1.13
C LEU A 107 -10.07 -16.05 -2.07
N LEU A 108 -9.10 -15.45 -2.77
CA LEU A 108 -8.16 -16.18 -3.61
C LEU A 108 -7.09 -16.92 -2.80
N GLY A 109 -6.95 -16.60 -1.51
CA GLY A 109 -6.03 -17.28 -0.63
C GLY A 109 -4.85 -16.44 -0.14
N VAL A 110 -4.87 -15.12 -0.36
CA VAL A 110 -3.72 -14.30 0.06
C VAL A 110 -3.61 -14.28 1.58
N ARG A 111 -2.38 -14.48 2.09
CA ARG A 111 -2.12 -14.43 3.53
C ARG A 111 -1.23 -13.27 3.96
N VAL A 112 -0.46 -12.69 3.02
CA VAL A 112 0.47 -11.59 3.27
C VAL A 112 0.31 -10.55 2.17
N LEU A 113 0.23 -9.27 2.55
CA LEU A 113 0.13 -8.14 1.62
C LEU A 113 1.32 -7.21 1.82
N LEU A 114 2.08 -6.96 0.73
CA LEU A 114 3.23 -6.05 0.72
C LEU A 114 2.86 -4.77 -0.01
N ILE A 115 3.16 -3.60 0.60
CA ILE A 115 2.70 -2.29 0.11
C ILE A 115 3.88 -1.30 0.10
N THR A 116 4.00 -0.50 -0.97
CA THR A 116 4.94 0.64 -0.98
C THR A 116 4.18 1.93 -1.31
N ASN A 117 4.74 3.07 -0.90
CA ASN A 117 4.17 4.37 -1.19
C ASN A 117 5.27 5.41 -1.19
N LEU A 118 4.96 6.59 -1.75
CA LEU A 118 5.79 7.79 -1.64
C LEU A 118 5.23 8.71 -0.56
N ALA A 119 6.10 9.28 0.27
CA ALA A 119 5.66 10.04 1.44
C ALA A 119 6.59 11.21 1.70
N GLY A 120 6.13 12.15 2.52
CA GLY A 120 6.96 13.28 2.97
C GLY A 120 7.51 12.98 4.36
N GLY A 121 8.75 13.40 4.59
CA GLY A 121 9.38 13.18 5.88
C GLY A 121 9.10 14.30 6.88
N ILE A 122 8.79 13.89 8.11
CA ILE A 122 8.53 14.80 9.22
C ILE A 122 9.65 14.71 10.27
N ASN A 123 10.04 13.50 10.64
CA ASN A 123 11.18 13.29 11.51
C ASN A 123 12.44 13.93 10.91
N ARG A 124 13.19 14.65 11.75
CA ARG A 124 14.37 15.37 11.26
C ARG A 124 15.47 14.45 10.77
N LYS A 125 15.50 13.18 11.16
CA LYS A 125 16.52 12.26 10.67
C LYS A 125 16.31 11.84 9.21
N LEU A 126 15.13 12.09 8.63
CA LEU A 126 14.79 11.54 7.32
C LEU A 126 15.25 12.47 6.18
N LYS A 127 15.89 11.88 5.16
CA LYS A 127 16.38 12.53 3.96
C LYS A 127 15.64 12.01 2.74
N SER A 128 15.62 12.82 1.69
CA SER A 128 15.11 12.36 0.39
C SER A 128 15.85 11.09 -0.01
N GLY A 129 15.09 10.06 -0.44
CA GLY A 129 15.66 8.79 -0.84
C GLY A 129 15.74 7.73 0.26
N ASP A 130 15.41 8.08 1.51
CA ASP A 130 15.40 7.10 2.59
C ASP A 130 14.13 6.24 2.51
N PHE A 131 14.18 5.08 3.17
CA PHE A 131 13.03 4.19 3.34
C PHE A 131 12.60 4.17 4.81
N VAL A 132 11.27 4.08 5.03
CA VAL A 132 10.71 3.94 6.37
C VAL A 132 9.82 2.69 6.43
N LEU A 133 10.19 1.73 7.30
CA LEU A 133 9.33 0.61 7.65
C LEU A 133 8.23 1.15 8.59
N ILE A 134 6.98 1.07 8.16
CA ILE A 134 5.86 1.62 8.94
C ILE A 134 5.52 0.68 10.09
N LYS A 135 5.53 1.21 11.34
CA LYS A 135 5.23 0.41 12.53
C LYS A 135 3.89 0.77 13.19
N GLY A 136 3.21 1.82 12.73
CA GLY A 136 1.93 2.27 13.26
C GLY A 136 1.47 3.47 12.48
N HIS A 137 0.25 3.96 12.77
CA HIS A 137 -0.29 5.07 11.98
C HIS A 137 -1.19 5.99 12.81
N ILE A 138 -1.40 7.20 12.26
CA ILE A 138 -2.38 8.14 12.77
C ILE A 138 -3.35 8.44 11.62
N ASN A 139 -4.59 7.99 11.77
CA ASN A 139 -5.60 7.95 10.69
C ASN A 139 -6.55 9.13 10.87
N PHE A 140 -6.21 10.30 10.30
CA PHE A 140 -7.08 11.46 10.48
C PHE A 140 -8.46 11.23 9.85
N PRO A 141 -8.60 10.65 8.64
CA PRO A 141 -9.95 10.32 8.14
C PRO A 141 -10.74 9.41 9.08
N GLY A 142 -10.11 8.42 9.68
CA GLY A 142 -10.81 7.52 10.62
C GLY A 142 -11.31 8.23 11.86
N LEU A 143 -10.48 9.06 12.49
CA LEU A 143 -10.94 9.79 13.65
C LEU A 143 -12.13 10.68 13.29
N GLY A 144 -12.14 11.20 12.07
CA GLY A 144 -13.15 12.15 11.61
C GLY A 144 -14.35 11.63 10.85
N LEU A 145 -14.70 10.36 11.03
CA LEU A 145 -15.92 9.66 10.50
C LEU A 145 -15.82 9.33 9.02
N ASN A 146 -14.61 9.31 8.45
CA ASN A 146 -14.35 8.78 7.10
C ASN A 146 -13.45 7.53 7.09
N ASN A 147 -13.51 6.71 8.15
CA ASN A 147 -12.87 5.38 8.15
C ASN A 147 -13.39 4.53 6.99
N VAL A 148 -12.49 3.73 6.38
CA VAL A 148 -12.86 2.81 5.30
C VAL A 148 -13.91 1.77 5.71
N LEU A 149 -14.06 1.52 7.02
CA LEU A 149 -15.06 0.55 7.51
C LEU A 149 -16.39 1.18 7.94
N VAL A 150 -16.58 2.52 7.79
CA VAL A 150 -17.91 3.10 8.08
C VAL A 150 -18.95 2.50 7.13
N GLY A 151 -20.05 2.04 7.73
CA GLY A 151 -21.08 1.31 7.01
C GLY A 151 -21.45 0.02 7.74
N PRO A 152 -22.39 -0.74 7.20
CA PRO A 152 -22.65 -2.08 7.75
C PRO A 152 -21.38 -2.91 7.77
N ASN A 153 -21.23 -3.76 8.80
CA ASN A 153 -20.11 -4.70 8.81
C ASN A 153 -20.43 -5.91 7.95
N GLN A 154 -19.45 -6.33 7.17
CA GLN A 154 -19.53 -7.58 6.39
C GLN A 154 -18.94 -8.69 7.25
N ASP A 155 -19.83 -9.37 7.99
CA ASP A 155 -19.41 -10.28 9.05
C ASP A 155 -18.60 -11.48 8.56
N GLU A 156 -18.79 -11.90 7.30
CA GLU A 156 -18.02 -13.02 6.77
C GLU A 156 -16.53 -12.73 6.74
N PHE A 157 -16.17 -11.45 6.66
CA PHE A 157 -14.77 -11.05 6.50
C PHE A 157 -14.07 -10.74 7.84
N GLY A 158 -14.78 -10.19 8.83
CA GLY A 158 -14.14 -9.79 10.08
C GLY A 158 -15.12 -9.17 11.06
N PRO A 159 -14.61 -8.71 12.20
CA PRO A 159 -15.45 -8.21 13.30
C PRO A 159 -15.90 -6.76 13.13
N ARG A 160 -16.96 -6.42 13.87
CA ARG A 160 -17.49 -5.04 13.83
C ARG A 160 -16.46 -4.01 14.29
N PHE A 161 -15.69 -4.32 15.35
CA PHE A 161 -14.72 -3.39 15.97
C PHE A 161 -13.31 -3.99 15.94
N PRO A 162 -12.56 -3.83 14.85
CA PRO A 162 -11.20 -4.41 14.81
C PRO A 162 -10.20 -3.65 15.65
N ASP A 163 -9.24 -4.42 16.16
CA ASP A 163 -8.05 -3.92 16.86
C ASP A 163 -6.89 -3.87 15.87
N LEU A 164 -6.25 -2.70 15.77
CA LEU A 164 -5.16 -2.48 14.82
C LEU A 164 -3.77 -2.56 15.47
N SER A 165 -3.68 -2.97 16.72
CA SER A 165 -2.39 -2.91 17.42
C SER A 165 -1.31 -3.79 16.79
N ASN A 166 -1.69 -4.86 16.07
CA ASN A 166 -0.73 -5.70 15.35
C ASN A 166 -0.95 -5.66 13.83
N ALA A 167 -1.44 -4.53 13.30
CA ALA A 167 -1.69 -4.42 11.87
C ALA A 167 -0.41 -4.53 11.04
N TYR A 168 0.72 -4.04 11.56
CA TYR A 168 2.02 -4.07 10.88
C TYR A 168 2.90 -5.14 11.52
N ASP A 169 3.02 -6.28 10.84
CA ASP A 169 3.70 -7.46 11.38
C ASP A 169 5.18 -7.19 11.73
N ARG A 170 5.55 -7.59 12.95
CA ARG A 170 6.90 -7.33 13.45
C ARG A 170 7.96 -8.17 12.75
N LEU A 171 7.67 -9.44 12.52
CA LEU A 171 8.66 -10.32 11.88
C LEU A 171 8.91 -9.92 10.43
N LEU A 172 7.89 -9.40 9.72
CA LEU A 172 8.14 -8.94 8.36
C LEU A 172 9.04 -7.70 8.34
N GLN A 173 8.85 -6.80 9.31
CA GLN A 173 9.75 -5.66 9.45
C GLN A 173 11.19 -6.12 9.68
N GLN A 174 11.37 -7.12 10.55
CA GLN A 174 12.71 -7.63 10.86
C GLN A 174 13.37 -8.24 9.63
N LEU A 175 12.60 -8.96 8.80
CA LEU A 175 13.16 -9.58 7.60
C LEU A 175 13.59 -8.52 6.58
N ALA A 176 12.77 -7.47 6.40
CA ALA A 176 13.16 -6.38 5.51
C ALA A 176 14.47 -5.75 5.96
N LEU A 177 14.60 -5.50 7.26
CA LEU A 177 15.83 -4.90 7.77
C LEU A 177 17.01 -5.83 7.56
N LYS A 178 16.80 -7.14 7.77
CA LYS A 178 17.89 -8.10 7.64
C LYS A 178 18.47 -8.09 6.24
N ILE A 179 17.60 -8.03 5.21
CA ILE A 179 18.08 -8.01 3.83
C ILE A 179 18.85 -6.73 3.53
N ALA A 180 18.39 -5.59 4.05
CA ALA A 180 19.13 -4.35 3.89
C ALA A 180 20.53 -4.43 4.51
N GLN A 181 20.64 -5.05 5.69
CA GLN A 181 21.96 -5.22 6.31
C GLN A 181 22.86 -6.14 5.50
N GLU A 182 22.29 -7.20 4.92
CA GLU A 182 23.11 -8.13 4.15
C GLU A 182 23.73 -7.47 2.95
N ASN A 183 23.09 -6.41 2.43
CA ASN A 183 23.52 -5.78 1.18
C ASN A 183 23.95 -4.34 1.38
N ASP A 184 24.25 -3.96 2.63
CA ASP A 184 24.95 -2.73 2.95
C ASP A 184 24.17 -1.48 2.59
N PHE A 185 22.83 -1.50 2.66
CA PHE A 185 22.06 -0.26 2.56
C PHE A 185 21.18 -0.01 3.78
N GLN A 186 21.54 -0.60 4.93
CA GLN A 186 20.77 -0.36 6.15
C GLN A 186 20.82 1.10 6.59
N ASP A 187 21.83 1.87 6.18
CA ASP A 187 21.88 3.28 6.54
C ASP A 187 20.75 4.09 5.91
N LEU A 188 20.04 3.51 4.93
CA LEU A 188 18.88 4.16 4.32
C LEU A 188 17.57 3.81 5.00
N VAL A 189 17.56 2.84 5.92
CA VAL A 189 16.31 2.22 6.41
C VAL A 189 16.03 2.69 7.84
N HIS A 190 14.85 3.27 8.06
CA HIS A 190 14.36 3.72 9.35
C HIS A 190 13.06 3.00 9.70
N GLU A 191 12.55 3.20 10.91
CA GLU A 191 11.18 2.82 11.24
C GLU A 191 10.40 4.05 11.71
N GLY A 192 9.07 4.02 11.56
CA GLY A 192 8.31 5.20 11.95
C GLY A 192 6.80 5.06 11.85
N VAL A 193 6.13 6.11 12.36
CA VAL A 193 4.67 6.25 12.38
C VAL A 193 4.21 7.07 11.17
N TYR A 194 3.22 6.56 10.44
CA TYR A 194 2.69 7.16 9.21
C TYR A 194 1.38 7.92 9.49
N ALA A 195 1.35 9.21 9.14
CA ALA A 195 0.13 10.02 9.21
C ALA A 195 -0.58 9.97 7.86
N PHE A 196 -1.87 9.64 7.87
CA PHE A 196 -2.71 9.63 6.66
C PHE A 196 -3.38 10.99 6.51
N ASN A 197 -2.91 11.76 5.50
CA ASN A 197 -3.55 12.98 4.99
C ASN A 197 -4.44 12.58 3.82
N GLY A 198 -5.76 12.76 3.96
CA GLY A 198 -6.65 12.38 2.87
C GLY A 198 -6.27 12.96 1.51
N GLY A 199 -5.76 14.17 1.46
CA GLY A 199 -5.31 14.77 0.19
C GLY A 199 -6.43 15.38 -0.65
N PRO A 200 -6.13 15.81 -1.89
CA PRO A 200 -4.89 15.62 -2.68
C PRO A 200 -3.87 16.75 -2.58
N THR A 201 -4.14 17.82 -1.83
CA THR A 201 -3.10 18.81 -1.55
C THR A 201 -2.03 18.23 -0.65
N TYR A 202 -0.76 18.53 -0.97
CA TYR A 202 0.31 18.22 -0.03
C TYR A 202 0.04 18.91 1.30
N GLU A 203 0.49 18.29 2.39
CA GLU A 203 0.45 18.90 3.73
C GLU A 203 1.02 20.31 3.68
N SER A 204 0.31 21.27 4.28
CA SER A 204 0.79 22.64 4.31
C SER A 204 1.96 22.77 5.29
N PRO A 205 2.75 23.85 5.20
CA PRO A 205 3.88 24.00 6.14
C PRO A 205 3.45 23.93 7.60
N ASP A 206 2.31 24.53 7.94
CA ASP A 206 1.87 24.53 9.32
C ASP A 206 1.24 23.20 9.72
N GLU A 207 0.63 22.48 8.78
CA GLU A 207 0.24 21.09 9.04
C GLU A 207 1.47 20.20 9.33
N SER A 208 2.58 20.41 8.59
CA SER A 208 3.79 19.63 8.84
C SER A 208 4.30 19.87 10.25
N ASN A 209 4.34 21.14 10.68
CA ASN A 209 4.78 21.46 12.04
C ASN A 209 3.89 20.82 13.09
N MET A 210 2.57 20.79 12.86
CA MET A 210 1.65 20.11 13.76
C MET A 210 1.98 18.62 13.87
N LEU A 211 2.24 17.96 12.73
CA LEU A 211 2.49 16.52 12.73
C LEU A 211 3.78 16.19 13.48
N LEU A 212 4.76 17.10 13.45
CA LEU A 212 5.97 16.91 14.24
C LEU A 212 5.65 16.92 15.73
N LYS A 213 4.79 17.85 16.17
CA LYS A 213 4.37 17.90 17.57
C LYS A 213 3.65 16.62 18.00
N LEU A 214 2.92 15.96 17.09
CA LEU A 214 2.05 14.82 17.43
C LEU A 214 2.72 13.47 17.30
N GLY A 215 4.02 13.43 17.04
CA GLY A 215 4.77 12.20 17.00
C GLY A 215 4.72 11.42 15.70
N CYS A 216 4.41 12.08 14.58
CA CYS A 216 4.45 11.44 13.28
C CYS A 216 5.84 11.52 12.68
N ASP A 217 6.24 10.46 11.99
CA ASP A 217 7.51 10.43 11.29
C ASP A 217 7.40 10.71 9.80
N VAL A 218 6.32 10.29 9.16
CA VAL A 218 6.10 10.46 7.72
C VAL A 218 4.63 10.79 7.49
N VAL A 219 4.31 11.34 6.31
CA VAL A 219 2.94 11.69 5.97
C VAL A 219 2.67 11.35 4.50
N GLY A 220 1.51 10.75 4.23
CA GLY A 220 1.12 10.52 2.85
C GLY A 220 -0.37 10.34 2.68
N MET A 221 -0.78 10.04 1.43
CA MET A 221 -2.20 10.04 1.05
C MET A 221 -2.76 8.67 0.69
N SER A 222 -2.13 7.57 1.10
CA SER A 222 -2.56 6.22 0.71
C SER A 222 -2.36 5.26 1.90
N THR A 223 -2.47 3.97 1.58
CA THR A 223 -1.95 2.84 2.38
C THR A 223 -2.82 2.49 3.58
N VAL A 224 -3.18 3.46 4.42
CA VAL A 224 -3.98 3.15 5.63
C VAL A 224 -5.32 2.50 5.30
N PRO A 225 -6.09 2.92 4.28
CA PRO A 225 -7.35 2.19 3.99
C PRO A 225 -7.14 0.71 3.67
N GLU A 226 -6.13 0.40 2.84
CA GLU A 226 -5.86 -1.01 2.49
C GLU A 226 -5.37 -1.81 3.69
N VAL A 227 -4.53 -1.18 4.54
CA VAL A 227 -4.07 -1.85 5.78
C VAL A 227 -5.26 -2.23 6.65
N ILE A 228 -6.22 -1.33 6.83
CA ILE A 228 -7.36 -1.61 7.71
C ILE A 228 -8.22 -2.75 7.14
N ILE A 229 -8.49 -2.74 5.81
CA ILE A 229 -9.29 -3.83 5.22
C ILE A 229 -8.55 -5.16 5.34
N ALA A 230 -7.22 -5.18 5.13
CA ALA A 230 -6.44 -6.40 5.30
C ALA A 230 -6.47 -6.90 6.75
N CYS A 231 -6.22 -6.00 7.71
CA CYS A 231 -6.24 -6.40 9.12
C CYS A 231 -7.60 -6.96 9.54
N HIS A 232 -8.69 -6.32 9.08
CA HIS A 232 -10.06 -6.75 9.40
C HIS A 232 -10.28 -8.21 9.01
N CYS A 233 -9.70 -8.66 7.88
CA CYS A 233 -9.92 -10.01 7.40
C CYS A 233 -8.72 -10.95 7.63
N GLY A 234 -7.77 -10.55 8.48
CA GLY A 234 -6.70 -11.47 8.90
C GLY A 234 -5.51 -11.63 7.96
N ILE A 235 -5.25 -10.66 7.09
CA ILE A 235 -4.06 -10.65 6.20
C ILE A 235 -2.93 -9.86 6.88
N LYS A 236 -1.72 -10.44 6.97
CA LYS A 236 -0.54 -9.77 7.52
C LYS A 236 -0.02 -8.73 6.53
N VAL A 237 0.55 -7.62 7.05
CA VAL A 237 0.95 -6.48 6.21
C VAL A 237 2.40 -6.09 6.48
N LEU A 238 3.16 -5.78 5.41
CA LEU A 238 4.41 -5.01 5.46
C LEU A 238 4.20 -3.78 4.58
N ALA A 239 4.44 -2.58 5.13
CA ALA A 239 4.28 -1.32 4.40
C ALA A 239 5.55 -0.48 4.51
N VAL A 240 6.05 0.00 3.36
CA VAL A 240 7.32 0.75 3.29
C VAL A 240 7.09 2.07 2.54
N SER A 241 7.49 3.19 3.17
CA SER A 241 7.45 4.50 2.53
C SER A 241 8.82 4.86 1.94
N LEU A 242 8.82 5.40 0.73
CA LEU A 242 9.99 6.06 0.14
C LEU A 242 9.86 7.57 0.35
N ILE A 243 10.88 8.19 0.96
CA ILE A 243 10.80 9.60 1.35
C ILE A 243 11.16 10.46 0.13
N ALA A 244 10.20 11.29 -0.30
CA ALA A 244 10.44 12.20 -1.42
C ALA A 244 11.16 13.48 -0.99
N ASN A 245 11.00 13.90 0.26
CA ASN A 245 11.43 15.22 0.75
C ASN A 245 11.29 15.25 2.25
N ASN A 246 11.94 16.23 2.91
CA ASN A 246 11.65 16.52 4.31
C ASN A 246 10.79 17.78 4.43
N SER A 247 9.51 17.60 4.78
CA SER A 247 8.57 18.71 4.77
C SER A 247 8.86 19.73 5.86
N ILE A 248 9.50 19.31 6.97
CA ILE A 248 9.86 20.24 8.05
C ILE A 248 11.01 21.15 7.61
N LEU A 249 12.07 20.59 7.00
CA LEU A 249 13.14 21.43 6.47
C LEU A 249 12.60 22.38 5.40
N ASP A 250 11.71 21.87 4.53
CA ASP A 250 11.16 22.69 3.46
C ASP A 250 10.35 23.85 4.04
N ALA A 251 9.62 23.62 5.13
CA ALA A 251 8.88 24.71 5.77
C ALA A 251 9.81 25.77 6.36
N GLU A 252 10.90 25.34 7.01
CA GLU A 252 11.84 26.28 7.62
C GLU A 252 12.61 27.10 6.59
N ASN A 253 12.81 26.56 5.38
CA ASN A 253 13.55 27.24 4.31
C ASN A 253 12.68 27.86 3.22
N ASP A 254 11.34 27.77 3.29
CA ASP A 254 10.44 28.34 2.26
C ASP A 254 10.64 27.67 0.88
N VAL A 255 10.73 26.35 0.88
CA VAL A 255 11.02 25.56 -0.34
C VAL A 255 9.80 24.71 -0.71
N SER A 256 9.57 24.54 -2.02
CA SER A 256 8.35 23.94 -2.55
C SER A 256 8.54 22.49 -2.95
N ILE A 257 7.41 21.84 -3.29
CA ILE A 257 7.36 20.43 -3.67
C ILE A 257 6.37 20.28 -4.81
N ASN A 258 6.51 19.21 -5.58
CA ASN A 258 5.64 18.96 -6.72
C ASN A 258 5.78 17.49 -7.13
N HIS A 259 4.78 17.00 -7.89
CA HIS A 259 4.78 15.58 -8.26
C HIS A 259 5.99 15.23 -9.11
N GLU A 260 6.60 16.22 -9.78
CA GLU A 260 7.75 15.93 -10.63
C GLU A 260 8.97 15.58 -9.79
N LYS A 261 9.25 16.36 -8.74
CA LYS A 261 10.33 16.01 -7.83
C LYS A 261 10.08 14.66 -7.17
N VAL A 262 8.83 14.38 -6.81
CA VAL A 262 8.53 13.08 -6.21
C VAL A 262 8.91 11.96 -7.15
N LEU A 263 8.54 12.07 -8.43
CA LEU A 263 8.76 10.96 -9.35
C LEU A 263 10.23 10.81 -9.70
N ALA A 264 11.01 11.88 -9.60
CA ALA A 264 12.44 11.76 -9.83
C ALA A 264 13.13 10.97 -8.71
N VAL A 265 12.70 11.16 -7.46
CA VAL A 265 13.19 10.31 -6.36
C VAL A 265 12.78 8.86 -6.58
N ALA A 266 11.54 8.62 -7.02
CA ALA A 266 11.10 7.27 -7.31
C ALA A 266 12.00 6.60 -8.35
N GLU A 267 12.37 7.33 -9.41
CA GLU A 267 13.21 6.73 -10.45
C GLU A 267 14.60 6.39 -9.90
N LYS A 268 15.12 7.22 -9.00
CA LYS A 268 16.44 6.98 -8.42
C LYS A 268 16.48 5.69 -7.61
N ARG A 269 15.40 5.37 -6.88
CA ARG A 269 15.38 4.23 -5.97
C ARG A 269 14.62 3.02 -6.51
N ALA A 270 14.08 3.09 -7.73
CA ALA A 270 13.20 2.04 -8.25
C ALA A 270 13.91 0.66 -8.33
N ASP A 271 15.14 0.63 -8.82
CA ASP A 271 15.77 -0.68 -9.02
C ASP A 271 16.10 -1.34 -7.69
N LEU A 272 16.58 -0.57 -6.70
CA LEU A 272 16.88 -1.13 -5.39
C LEU A 272 15.62 -1.68 -4.72
N LEU A 273 14.52 -0.93 -4.81
CA LEU A 273 13.27 -1.36 -4.19
C LEU A 273 12.75 -2.64 -4.85
N GLN A 274 12.89 -2.75 -6.17
CA GLN A 274 12.48 -3.97 -6.87
C GLN A 274 13.27 -5.18 -6.36
N MET A 275 14.60 -5.03 -6.22
CA MET A 275 15.45 -6.13 -5.76
C MET A 275 15.14 -6.50 -4.31
N TRP A 276 14.90 -5.50 -3.47
CA TRP A 276 14.60 -5.73 -2.05
C TRP A 276 13.31 -6.53 -1.89
N PHE A 277 12.25 -6.11 -2.58
CA PHE A 277 10.96 -6.79 -2.43
C PHE A 277 10.98 -8.17 -3.10
N LYS A 278 11.77 -8.36 -4.17
CA LYS A 278 11.90 -9.71 -4.70
C LYS A 278 12.51 -10.64 -3.67
N GLU A 279 13.53 -10.17 -2.94
CA GLU A 279 14.18 -11.00 -1.93
C GLU A 279 13.25 -11.25 -0.73
N ILE A 280 12.48 -10.24 -0.30
CA ILE A 280 11.50 -10.41 0.77
C ILE A 280 10.48 -11.49 0.39
N ILE A 281 9.93 -11.41 -0.83
CA ILE A 281 8.97 -12.41 -1.29
C ILE A 281 9.58 -13.81 -1.26
N THR A 282 10.82 -13.93 -1.73
CA THR A 282 11.47 -15.25 -1.78
C THR A 282 11.57 -15.87 -0.39
N ARG A 283 11.82 -15.05 0.63
CA ARG A 283 12.18 -15.54 1.94
C ARG A 283 11.08 -15.44 2.99
N LEU A 284 9.94 -14.86 2.69
CA LEU A 284 9.05 -14.70 3.84
C LEU A 284 8.41 -16.04 4.21
N PRO A 285 8.11 -16.27 5.49
CA PRO A 285 7.79 -17.62 5.97
C PRO A 285 6.76 -18.38 5.12
#